data_1DYH
#
_entry.id   1DYH
#
_cell.length_a   93.205
_cell.length_b   93.205
_cell.length_c   73.942
_cell.angle_alpha   90.00
_cell.angle_beta   90.00
_cell.angle_gamma   120.00
#
_symmetry.space_group_name_H-M   'P 61'
#
loop_
_entity.id
_entity.type
_entity.pdbx_description
1 polymer 'DIHYDROFOLATE REDUCTASE'
2 non-polymer 'CHLORIDE ION'
3 non-polymer '5-DEAZAFOLIC ACID'
4 non-polymer 'CALCIUM ION'
5 water water
#
_entity_poly.entity_id   1
_entity_poly.type   'polypeptide(L)'
_entity_poly.pdbx_seq_one_letter_code
;MISLIAALAVDRVIGMENAMPWNLPADLAWFKRNTLDKPVIMGRHTWESIGRPLPGRKNIILSSQPGTDDRVTWVKSVDE
AIAACGDVPEIMVIGGGRVYEQFLPKAQKLYLTHIDAEVEGDTHFPDYEPDDWESVFSEFHDADAQNSHSYCFEILERR
;
_entity_poly.pdbx_strand_id   A,B
#
loop_
_chem_comp.id
_chem_comp.type
_chem_comp.name
_chem_comp.formula
CA non-polymer 'CALCIUM ION' 'Ca 2'
CL non-polymer 'CHLORIDE ION' 'Cl -1'
DZF non-polymer '5-DEAZAFOLIC ACID' 'C20 H20 N6 O6'
#
# COMPACT_ATOMS: atom_id res chain seq x y z
N MET A 1 26.79 1.13 -16.41
CA MET A 1 25.71 0.65 -17.22
C MET A 1 24.42 1.22 -16.63
N ILE A 2 23.45 1.30 -17.51
CA ILE A 2 22.16 1.83 -17.14
C ILE A 2 21.16 0.73 -17.08
N SER A 3 20.38 0.76 -16.01
CA SER A 3 19.33 -0.20 -15.78
C SER A 3 18.00 0.47 -15.56
N LEU A 4 16.94 -0.23 -15.95
CA LEU A 4 15.57 0.19 -15.82
C LEU A 4 15.01 -0.82 -14.87
N ILE A 5 14.17 -0.33 -13.98
CA ILE A 5 13.47 -1.08 -12.98
C ILE A 5 12.04 -0.60 -13.02
N ALA A 6 11.14 -1.55 -13.05
CA ALA A 6 9.72 -1.28 -13.16
C ALA A 6 8.86 -2.45 -12.70
N ALA A 7 7.59 -2.05 -12.38
CA ALA A 7 6.50 -2.92 -11.94
C ALA A 7 5.44 -2.81 -13.05
N LEU A 8 5.17 -3.96 -13.67
CA LEU A 8 4.24 -4.10 -14.75
C LEU A 8 3.05 -4.96 -14.45
N ALA A 9 1.90 -4.40 -14.84
CA ALA A 9 0.67 -5.17 -14.65
C ALA A 9 0.46 -5.93 -15.97
N VAL A 10 -0.67 -6.65 -16.11
CA VAL A 10 -0.91 -7.38 -17.34
C VAL A 10 -0.88 -6.42 -18.53
N ASP A 11 -0.29 -6.91 -19.59
CA ASP A 11 -0.14 -6.16 -20.80
C ASP A 11 0.82 -5.02 -20.72
N ARG A 12 1.75 -5.07 -19.77
CA ARG A 12 2.74 -4.01 -19.63
C ARG A 12 2.22 -2.65 -19.21
N VAL A 13 1.04 -2.60 -18.59
CA VAL A 13 0.52 -1.30 -18.14
C VAL A 13 1.32 -0.85 -16.89
N ILE A 14 1.66 0.40 -16.86
CA ILE A 14 2.37 0.98 -15.77
C ILE A 14 1.63 2.24 -15.30
N GLY A 15 2.08 2.72 -14.15
CA GLY A 15 1.45 3.91 -13.61
C GLY A 15 1.68 5.10 -14.48
N MET A 16 0.67 5.90 -14.47
CA MET A 16 0.69 7.16 -15.22
C MET A 16 0.81 8.32 -14.22
N GLU A 17 -0.15 8.43 -13.27
CA GLU A 17 -0.17 9.48 -12.26
C GLU A 17 -0.68 8.99 -10.87
N ASN A 18 -1.84 8.35 -10.77
CA ASN A 18 -2.44 7.86 -9.49
C ASN A 18 -1.73 6.59 -9.02
N ALA A 19 -1.69 6.29 -7.73
CA ALA A 19 -1.00 5.10 -7.34
C ALA A 19 -1.72 3.89 -7.92
N MET A 20 -0.95 2.81 -8.19
CA MET A 20 -1.40 1.52 -8.76
C MET A 20 -2.16 0.70 -7.74
N PRO A 21 -3.24 0.04 -8.18
CA PRO A 21 -4.11 -0.75 -7.31
C PRO A 21 -3.64 -2.12 -6.87
N TRP A 22 -2.60 -2.07 -6.05
CA TRP A 22 -2.07 -3.30 -5.54
C TRP A 22 -1.30 -2.96 -4.29
N ASN A 23 -0.89 -3.96 -3.53
CA ASN A 23 -0.13 -3.70 -2.31
C ASN A 23 0.82 -4.92 -2.20
N LEU A 24 2.08 -4.65 -2.54
CA LEU A 24 3.19 -5.61 -2.61
C LEU A 24 4.46 -5.20 -1.95
N PRO A 25 4.43 -5.33 -0.66
CA PRO A 25 5.56 -5.00 0.14
C PRO A 25 6.81 -5.77 -0.33
N ALA A 26 6.67 -7.04 -0.78
CA ALA A 26 7.80 -7.83 -1.26
C ALA A 26 8.42 -7.16 -2.45
N ASP A 27 7.55 -6.55 -3.27
CA ASP A 27 8.07 -5.87 -4.44
C ASP A 27 8.81 -4.57 -4.09
N LEU A 28 8.34 -3.81 -3.06
CA LEU A 28 9.03 -2.60 -2.67
C LEU A 28 10.36 -2.96 -2.05
N ALA A 29 10.48 -4.08 -1.36
CA ALA A 29 11.74 -4.50 -0.75
C ALA A 29 12.71 -4.84 -1.85
N TRP A 30 12.20 -5.41 -2.94
CA TRP A 30 13.05 -5.78 -4.09
C TRP A 30 13.54 -4.51 -4.74
N PHE A 31 12.63 -3.56 -4.82
CA PHE A 31 12.99 -2.31 -5.43
C PHE A 31 14.09 -1.68 -4.61
N LYS A 32 13.87 -1.64 -3.27
CA LYS A 32 14.88 -1.03 -2.41
C LYS A 32 16.27 -1.71 -2.47
N ARG A 33 16.30 -3.04 -2.32
CA ARG A 33 17.55 -3.81 -2.35
C ARG A 33 18.31 -3.60 -3.64
N ASN A 34 17.58 -3.44 -4.75
CA ASN A 34 18.22 -3.24 -6.07
C ASN A 34 18.55 -1.81 -6.36
N THR A 35 18.08 -0.84 -5.55
CA THR A 35 18.51 0.49 -5.97
C THR A 35 19.35 1.19 -4.93
N LEU A 36 19.39 0.59 -3.74
CA LEU A 36 20.16 1.23 -2.65
C LEU A 36 21.62 1.54 -2.97
N ASP A 37 22.11 2.71 -2.54
CA ASP A 37 23.49 3.07 -2.75
C ASP A 37 23.80 3.32 -4.22
N LYS A 38 22.78 3.54 -5.01
CA LYS A 38 22.98 3.85 -6.41
C LYS A 38 22.21 5.12 -6.75
N PRO A 39 22.48 5.72 -7.92
CA PRO A 39 21.74 6.91 -8.31
C PRO A 39 20.47 6.45 -9.01
N VAL A 40 19.43 7.23 -8.83
CA VAL A 40 18.15 6.94 -9.44
C VAL A 40 17.66 8.14 -10.21
N ILE A 41 17.22 7.84 -11.41
CA ILE A 41 16.71 8.89 -12.29
C ILE A 41 15.20 8.72 -12.42
N MET A 42 14.41 9.76 -12.18
CA MET A 42 12.97 9.58 -12.32
C MET A 42 12.34 10.85 -12.95
N GLY A 43 11.06 10.77 -13.38
CA GLY A 43 10.35 11.92 -13.97
C GLY A 43 9.55 12.64 -12.86
N ARG A 44 8.87 13.74 -13.17
CA ARG A 44 8.13 14.49 -12.20
C ARG A 44 6.94 13.77 -11.56
N HIS A 45 6.22 12.89 -12.30
CA HIS A 45 5.10 12.20 -11.71
C HIS A 45 5.59 11.18 -10.70
N THR A 46 6.72 10.49 -10.97
CA THR A 46 7.24 9.52 -10.02
C THR A 46 7.66 10.24 -8.73
N TRP A 47 8.31 11.40 -8.85
CA TRP A 47 8.75 12.19 -7.74
C TRP A 47 7.57 12.51 -6.85
N GLU A 48 6.40 12.91 -7.39
CA GLU A 48 5.23 13.19 -6.53
C GLU A 48 4.65 11.90 -5.91
N SER A 49 4.74 10.79 -6.65
CA SER A 49 4.24 9.56 -6.10
C SER A 49 5.13 9.17 -4.91
N ILE A 50 6.42 9.39 -5.04
CA ILE A 50 7.28 9.03 -3.93
C ILE A 50 7.06 9.94 -2.73
N GLY A 51 7.00 11.23 -2.99
CA GLY A 51 6.75 12.15 -1.90
C GLY A 51 7.91 12.62 -1.03
N ARG A 52 9.17 12.26 -1.28
CA ARG A 52 10.35 12.67 -0.50
C ARG A 52 11.47 11.89 -1.11
N PRO A 53 12.67 12.37 -0.93
CA PRO A 53 13.87 11.74 -1.47
C PRO A 53 14.01 10.27 -1.06
N LEU A 54 14.45 9.37 -1.95
CA LEU A 54 14.58 7.99 -1.57
C LEU A 54 15.82 8.03 -0.71
N PRO A 55 15.84 7.51 0.49
CA PRO A 55 17.09 7.60 1.23
C PRO A 55 18.22 6.69 0.78
N GLY A 56 19.45 7.10 0.94
CA GLY A 56 20.58 6.23 0.57
C GLY A 56 20.79 6.10 -0.92
N ARG A 57 20.16 7.02 -1.65
CA ARG A 57 20.31 7.00 -3.09
C ARG A 57 20.45 8.41 -3.60
N LYS A 58 21.11 8.61 -4.72
CA LYS A 58 21.22 9.95 -5.25
C LYS A 58 20.00 10.13 -6.13
N ASN A 59 19.12 11.06 -5.77
CA ASN A 59 17.86 11.32 -6.49
C ASN A 59 17.96 12.42 -7.53
N ILE A 60 17.82 11.99 -8.78
CA ILE A 60 17.90 12.87 -9.92
C ILE A 60 16.52 12.92 -10.59
N ILE A 61 16.02 14.16 -10.75
CA ILE A 61 14.76 14.34 -11.38
C ILE A 61 14.91 14.96 -12.79
N LEU A 62 14.43 14.25 -13.80
CA LEU A 62 14.42 14.69 -15.20
C LEU A 62 13.07 15.38 -15.46
N SER A 63 13.09 16.66 -15.78
CA SER A 63 11.87 17.40 -16.05
C SER A 63 12.07 18.76 -16.73
N SER A 64 11.08 19.20 -17.51
CA SER A 64 11.08 20.46 -18.21
C SER A 64 10.88 21.55 -17.19
N GLN A 65 10.27 21.20 -16.07
CA GLN A 65 9.97 22.11 -15.00
C GLN A 65 11.05 22.57 -14.01
N PRO A 66 10.59 23.28 -12.96
CA PRO A 66 11.43 23.86 -11.91
C PRO A 66 11.60 23.06 -10.65
N GLY A 67 12.85 23.02 -10.23
CA GLY A 67 13.22 22.32 -9.03
C GLY A 67 12.59 22.87 -7.78
N THR A 68 11.40 22.39 -7.44
CA THR A 68 10.81 22.90 -6.22
C THR A 68 11.69 22.70 -4.98
N ASP A 69 12.26 21.50 -4.86
CA ASP A 69 13.10 21.07 -3.75
C ASP A 69 14.61 21.03 -3.93
N ASP A 70 15.33 21.35 -2.86
CA ASP A 70 16.79 21.37 -2.83
C ASP A 70 17.52 20.05 -2.49
N ARG A 71 16.86 19.08 -1.89
CA ARG A 71 17.51 17.85 -1.54
C ARG A 71 17.80 16.97 -2.76
N VAL A 72 17.20 17.21 -3.94
CA VAL A 72 17.52 16.31 -5.04
C VAL A 72 18.16 17.07 -6.17
N THR A 73 18.54 16.41 -7.24
CA THR A 73 19.16 17.10 -8.36
C THR A 73 18.15 17.14 -9.45
N TRP A 74 17.92 18.33 -9.98
CA TRP A 74 16.97 18.59 -11.07
C TRP A 74 17.66 18.81 -12.39
N VAL A 75 17.35 17.99 -13.40
CA VAL A 75 17.99 18.15 -14.68
C VAL A 75 16.97 18.35 -15.77
N LYS A 76 17.39 18.90 -16.89
CA LYS A 76 16.46 19.12 -17.98
C LYS A 76 16.61 18.16 -19.17
N SER A 77 17.68 17.33 -19.22
CA SER A 77 17.91 16.39 -20.33
C SER A 77 18.55 15.07 -19.95
N VAL A 78 18.53 14.09 -20.85
CA VAL A 78 19.15 12.81 -20.57
C VAL A 78 20.66 12.87 -20.32
N ASP A 79 21.27 13.68 -21.17
CA ASP A 79 22.70 13.82 -21.05
C ASP A 79 22.99 14.42 -19.70
N GLU A 80 22.27 15.49 -19.30
CA GLU A 80 22.49 16.09 -18.00
C GLU A 80 22.27 15.09 -16.84
N ALA A 81 21.24 14.23 -16.93
CA ALA A 81 20.95 13.24 -15.92
C ALA A 81 22.11 12.29 -15.82
N ILE A 82 22.57 11.81 -16.95
CA ILE A 82 23.69 10.88 -16.88
C ILE A 82 24.97 11.42 -16.20
N ALA A 83 25.35 12.60 -16.63
CA ALA A 83 26.54 13.23 -16.11
C ALA A 83 26.40 13.38 -14.62
N ALA A 84 25.21 13.76 -14.15
CA ALA A 84 24.88 13.95 -12.75
C ALA A 84 25.14 12.71 -11.94
N CYS A 85 25.08 11.55 -12.58
CA CYS A 85 25.35 10.37 -11.82
C CYS A 85 26.81 10.20 -11.55
N GLY A 86 27.64 10.77 -12.40
CA GLY A 86 29.06 10.60 -12.18
C GLY A 86 29.56 9.22 -12.62
N ASP A 87 30.69 8.76 -12.03
CA ASP A 87 31.19 7.46 -12.45
C ASP A 87 30.90 6.29 -11.55
N VAL A 88 29.81 5.60 -11.87
CA VAL A 88 29.39 4.49 -11.09
C VAL A 88 29.11 3.32 -11.98
N PRO A 89 29.14 2.18 -11.35
CA PRO A 89 28.89 0.93 -12.03
C PRO A 89 27.49 0.76 -12.57
N GLU A 90 26.43 1.22 -11.88
CA GLU A 90 25.06 1.03 -12.38
C GLU A 90 24.16 2.21 -12.07
N ILE A 91 23.39 2.66 -13.06
CA ILE A 91 22.52 3.79 -12.83
C ILE A 91 21.14 3.21 -12.88
N MET A 92 20.27 3.59 -11.94
CA MET A 92 18.94 3.01 -11.99
C MET A 92 17.91 3.99 -12.55
N VAL A 93 17.14 3.61 -13.58
CA VAL A 93 16.15 4.58 -14.08
C VAL A 93 14.84 4.08 -13.51
N ILE A 94 14.11 4.87 -12.70
CA ILE A 94 12.90 4.33 -12.10
C ILE A 94 11.56 4.73 -12.64
N GLY A 95 11.54 5.35 -13.84
CA GLY A 95 10.22 5.71 -14.42
C GLY A 95 9.86 7.18 -14.25
N GLY A 96 8.69 7.62 -14.75
CA GLY A 96 7.66 6.88 -15.44
C GLY A 96 7.89 6.55 -16.91
N GLY A 97 6.79 6.30 -17.59
CA GLY A 97 6.83 5.90 -18.99
C GLY A 97 7.75 6.66 -19.92
N ARG A 98 7.62 7.96 -20.01
CA ARG A 98 8.47 8.67 -20.94
C ARG A 98 9.93 8.52 -20.58
N VAL A 99 10.23 8.58 -19.30
CA VAL A 99 11.56 8.42 -18.85
C VAL A 99 11.98 6.98 -19.22
N TYR A 100 11.10 6.00 -19.15
CA TYR A 100 11.63 4.70 -19.55
C TYR A 100 11.91 4.69 -21.07
N GLU A 101 11.06 5.37 -21.86
CA GLU A 101 11.24 5.38 -23.32
C GLU A 101 12.58 5.96 -23.72
N GLN A 102 12.94 7.01 -23.02
CA GLN A 102 14.20 7.68 -23.29
C GLN A 102 15.44 6.92 -22.89
N PHE A 103 15.43 6.18 -21.82
CA PHE A 103 16.68 5.51 -21.53
C PHE A 103 16.73 4.12 -22.06
N LEU A 104 15.61 3.54 -22.51
CA LEU A 104 15.63 2.15 -22.99
C LEU A 104 16.75 1.82 -24.00
N PRO A 105 16.83 2.63 -25.04
CA PRO A 105 17.83 2.40 -26.05
C PRO A 105 19.23 2.33 -25.47
N LYS A 106 19.52 3.01 -24.35
CA LYS A 106 20.87 2.94 -23.79
C LYS A 106 20.99 1.88 -22.69
N ALA A 107 19.89 1.25 -22.36
CA ALA A 107 19.89 0.27 -21.31
C ALA A 107 20.51 -1.05 -21.64
N GLN A 108 21.17 -1.55 -20.62
CA GLN A 108 21.83 -2.83 -20.71
C GLN A 108 21.09 -3.82 -19.83
N LYS A 109 20.32 -3.31 -18.86
CA LYS A 109 19.66 -4.32 -18.05
C LYS A 109 18.28 -3.83 -17.61
N LEU A 110 17.43 -4.81 -17.37
CA LEU A 110 16.04 -4.62 -16.93
C LEU A 110 15.69 -5.52 -15.74
N TYR A 111 15.12 -4.91 -14.70
CA TYR A 111 14.68 -5.63 -13.50
C TYR A 111 13.18 -5.38 -13.55
N LEU A 112 12.44 -6.43 -13.78
CA LEU A 112 11.01 -6.22 -13.92
C LEU A 112 10.23 -7.06 -12.99
N THR A 113 9.11 -6.52 -12.53
CA THR A 113 8.19 -7.23 -11.68
C THR A 113 6.89 -7.39 -12.46
N HIS A 114 6.54 -8.63 -12.84
CA HIS A 114 5.30 -8.85 -13.58
C HIS A 114 4.24 -9.18 -12.55
N ILE A 115 3.22 -8.34 -12.50
CA ILE A 115 2.17 -8.54 -11.53
C ILE A 115 0.90 -8.99 -12.22
N ASP A 116 0.31 -10.00 -11.61
CA ASP A 116 -0.91 -10.55 -12.13
C ASP A 116 -2.11 -9.75 -11.74
N ALA A 117 -2.19 -8.58 -12.32
CA ALA A 117 -3.31 -7.70 -12.02
C ALA A 117 -3.82 -7.05 -13.28
N GLU A 118 -5.13 -7.04 -13.50
CA GLU A 118 -5.64 -6.43 -14.70
C GLU A 118 -5.99 -5.00 -14.32
N VAL A 119 -5.30 -4.06 -14.92
CA VAL A 119 -5.52 -2.67 -14.61
C VAL A 119 -5.80 -1.99 -15.92
N GLU A 120 -6.70 -1.02 -15.90
CA GLU A 120 -7.01 -0.35 -17.15
C GLU A 120 -6.05 0.81 -17.24
N GLY A 121 -5.29 0.96 -18.32
CA GLY A 121 -4.42 2.12 -18.25
C GLY A 121 -3.94 2.64 -19.59
N ASP A 122 -3.47 3.90 -19.57
CA ASP A 122 -2.98 4.49 -20.82
C ASP A 122 -1.55 4.14 -21.17
N THR A 123 -0.67 4.36 -20.22
CA THR A 123 0.73 4.07 -20.41
C THR A 123 1.10 2.60 -20.28
N HIS A 124 2.17 2.24 -21.02
CA HIS A 124 2.73 0.91 -21.07
C HIS A 124 4.24 0.97 -21.00
N PHE A 125 4.85 -0.07 -20.49
CA PHE A 125 6.29 -0.03 -20.46
C PHE A 125 6.65 -0.15 -21.92
N PRO A 126 7.71 0.50 -22.40
CA PRO A 126 8.11 0.43 -23.82
C PRO A 126 8.27 -0.99 -24.27
N ASP A 127 7.94 -1.24 -25.54
CA ASP A 127 8.05 -2.58 -26.10
C ASP A 127 9.52 -3.02 -26.20
N TYR A 128 9.87 -4.11 -25.54
CA TYR A 128 11.20 -4.62 -25.59
C TYR A 128 11.05 -5.91 -26.36
N GLU A 129 12.01 -6.17 -27.26
CA GLU A 129 11.98 -7.40 -28.05
C GLU A 129 12.82 -8.45 -27.40
N PRO A 130 12.22 -9.33 -26.57
CA PRO A 130 13.04 -10.35 -25.92
C PRO A 130 14.08 -11.17 -26.69
N ASP A 131 14.31 -10.85 -27.95
CA ASP A 131 15.30 -11.58 -28.69
C ASP A 131 16.57 -10.74 -28.72
N ASP A 132 16.40 -9.59 -28.09
CA ASP A 132 17.45 -8.63 -27.95
C ASP A 132 17.80 -8.62 -26.51
N TRP A 133 17.02 -9.34 -25.72
CA TRP A 133 17.19 -9.41 -24.30
C TRP A 133 17.15 -10.87 -23.91
N GLU A 134 18.02 -11.28 -23.04
CA GLU A 134 18.11 -12.64 -22.58
C GLU A 134 17.55 -12.69 -21.17
N SER A 135 16.54 -13.50 -20.94
CA SER A 135 16.07 -13.52 -19.57
C SER A 135 17.09 -14.29 -18.78
N VAL A 136 17.60 -13.73 -17.71
CA VAL A 136 18.62 -14.37 -16.92
C VAL A 136 18.25 -14.78 -15.49
N PHE A 137 17.07 -14.38 -15.07
CA PHE A 137 16.65 -14.72 -13.71
C PHE A 137 15.16 -14.52 -13.70
N SER A 138 14.41 -15.45 -13.12
CA SER A 138 12.97 -15.42 -13.07
C SER A 138 12.53 -16.14 -11.81
N GLU A 139 11.71 -15.48 -10.99
CA GLU A 139 11.28 -16.13 -9.76
C GLU A 139 9.88 -15.70 -9.43
N PHE A 140 8.94 -16.63 -9.41
CA PHE A 140 7.57 -16.36 -9.16
C PHE A 140 7.16 -16.51 -7.73
N HIS A 141 6.21 -15.67 -7.35
CA HIS A 141 5.68 -15.73 -6.02
C HIS A 141 4.19 -15.59 -6.01
N ASP A 142 3.52 -16.40 -5.21
CA ASP A 142 2.06 -16.34 -5.10
C ASP A 142 1.65 -15.20 -4.17
N ALA A 143 0.40 -14.77 -4.28
CA ALA A 143 -0.11 -13.70 -3.42
C ALA A 143 -0.14 -14.26 -2.03
N ASP A 144 -0.24 -13.43 -1.03
CA ASP A 144 -0.28 -13.95 0.33
C ASP A 144 -0.95 -12.93 1.23
N ALA A 145 -0.89 -13.13 2.54
CA ALA A 145 -1.54 -12.22 3.43
C ALA A 145 -0.96 -10.84 3.40
N GLN A 146 0.22 -10.74 2.82
CA GLN A 146 0.81 -9.41 2.77
C GLN A 146 0.83 -8.77 1.38
N ASN A 147 0.85 -9.60 0.35
CA ASN A 147 0.92 -9.27 -1.07
C ASN A 147 -0.40 -9.56 -1.78
N SER A 148 -1.00 -8.48 -2.25
CA SER A 148 -2.31 -8.54 -2.88
C SER A 148 -2.45 -9.43 -4.12
N HIS A 149 -1.38 -9.62 -4.87
CA HIS A 149 -1.40 -10.41 -6.10
C HIS A 149 -0.11 -11.18 -6.22
N SER A 150 -0.12 -12.02 -7.24
CA SER A 150 0.98 -12.88 -7.69
C SER A 150 1.94 -11.99 -8.44
N TYR A 151 3.25 -12.22 -8.30
CA TYR A 151 4.20 -11.40 -8.98
C TYR A 151 5.42 -12.25 -9.29
N CYS A 152 6.08 -11.82 -10.33
CA CYS A 152 7.28 -12.56 -10.76
C CYS A 152 8.44 -11.61 -11.02
N PHE A 153 9.58 -11.78 -10.30
CA PHE A 153 10.78 -10.95 -10.49
C PHE A 153 11.50 -11.54 -11.68
N GLU A 154 12.02 -10.67 -12.52
CA GLU A 154 12.74 -11.05 -13.73
C GLU A 154 13.83 -10.05 -14.09
N ILE A 155 15.02 -10.57 -14.46
CA ILE A 155 16.14 -9.75 -14.85
C ILE A 155 16.47 -10.16 -16.29
N LEU A 156 16.65 -9.15 -17.10
CA LEU A 156 16.96 -9.36 -18.48
C LEU A 156 18.24 -8.62 -18.81
N GLU A 157 19.07 -9.23 -19.67
CA GLU A 157 20.32 -8.66 -20.13
C GLU A 157 20.32 -8.43 -21.63
N ARG A 158 20.78 -7.26 -22.00
CA ARG A 158 20.81 -6.89 -23.38
C ARG A 158 21.89 -7.63 -24.10
N ARG A 159 21.47 -8.31 -25.14
CA ARG A 159 22.36 -9.05 -26.01
C ARG A 159 22.43 -8.21 -27.26
N MET B 1 -17.08 4.24 25.95
CA MET B 1 -18.01 3.55 25.06
C MET B 1 -17.24 2.71 24.04
N ILE B 2 -17.97 1.91 23.28
CA ILE B 2 -17.29 1.10 22.31
C ILE B 2 -17.52 1.62 20.89
N SER B 3 -16.44 1.72 20.09
CA SER B 3 -16.61 2.19 18.71
C SER B 3 -16.01 1.11 17.80
N LEU B 4 -16.45 1.06 16.55
CA LEU B 4 -15.94 0.10 15.54
C LEU B 4 -15.30 0.99 14.45
N ILE B 5 -14.16 0.49 13.96
CA ILE B 5 -13.41 1.14 12.90
C ILE B 5 -13.13 0.12 11.80
N ALA B 6 -13.47 0.45 10.55
CA ALA B 6 -13.20 -0.46 9.45
C ALA B 6 -13.15 0.30 8.09
N ALA B 7 -12.56 -0.36 7.08
CA ALA B 7 -12.44 0.11 5.71
C ALA B 7 -13.31 -0.90 4.93
N LEU B 8 -14.34 -0.44 4.23
CA LEU B 8 -15.25 -1.32 3.48
C LEU B 8 -15.21 -1.02 2.00
N ALA B 9 -15.03 -2.09 1.23
CA ALA B 9 -15.05 -1.94 -0.19
C ALA B 9 -16.54 -2.04 -0.60
N VAL B 10 -16.89 -2.08 -1.92
CA VAL B 10 -18.32 -2.21 -2.26
C VAL B 10 -18.90 -3.48 -1.62
N ASP B 11 -20.20 -3.47 -1.28
CA ASP B 11 -20.81 -4.64 -0.67
C ASP B 11 -20.29 -4.99 0.69
N ARG B 12 -19.68 -4.00 1.32
CA ARG B 12 -19.16 -4.19 2.65
C ARG B 12 -18.08 -5.20 2.78
N VAL B 13 -17.35 -5.46 1.71
CA VAL B 13 -16.27 -6.40 1.79
C VAL B 13 -15.16 -5.81 2.66
N ILE B 14 -14.70 -6.57 3.66
CA ILE B 14 -13.65 -6.10 4.53
C ILE B 14 -12.34 -6.92 4.42
N GLY B 15 -12.39 -8.17 3.95
CA GLY B 15 -11.20 -9.05 3.80
C GLY B 15 -11.37 -10.07 2.68
N MET B 16 -10.25 -10.52 2.17
CA MET B 16 -10.15 -11.45 1.07
C MET B 16 -9.21 -12.53 1.49
N GLU B 17 -8.95 -13.45 0.54
CA GLU B 17 -8.02 -14.49 0.91
C GLU B 17 -6.62 -13.89 1.15
N ASN B 18 -6.26 -12.92 0.27
CA ASN B 18 -4.92 -12.35 0.46
C ASN B 18 -5.07 -10.89 0.79
N ALA B 19 -3.94 -10.16 0.81
CA ALA B 19 -3.93 -8.72 1.12
C ALA B 19 -4.89 -7.97 0.21
N MET B 20 -5.56 -6.91 0.70
CA MET B 20 -6.51 -6.14 -0.09
C MET B 20 -5.75 -5.41 -1.21
N PRO B 21 -6.32 -5.37 -2.40
CA PRO B 21 -5.73 -4.75 -3.59
C PRO B 21 -5.78 -3.24 -3.65
N TRP B 22 -5.27 -2.56 -2.62
CA TRP B 22 -5.30 -1.12 -2.66
C TRP B 22 -4.16 -0.58 -1.86
N ASN B 23 -3.83 0.68 -2.15
CA ASN B 23 -2.75 1.33 -1.46
C ASN B 23 -3.28 2.69 -0.98
N LEU B 24 -3.66 2.72 0.30
CA LEU B 24 -4.25 3.92 0.87
C LEU B 24 -3.61 4.50 2.10
N PRO B 25 -2.45 5.10 1.90
CA PRO B 25 -1.77 5.73 3.02
C PRO B 25 -2.71 6.74 3.75
N ALA B 26 -3.63 7.43 3.10
CA ALA B 26 -4.40 8.36 3.90
C ALA B 26 -5.39 7.69 4.77
N ASP B 27 -5.83 6.49 4.35
CA ASP B 27 -6.78 5.73 5.14
C ASP B 27 -6.03 5.21 6.39
N LEU B 28 -4.80 4.80 6.21
CA LEU B 28 -4.08 4.33 7.36
C LEU B 28 -3.80 5.49 8.31
N ALA B 29 -3.53 6.65 7.75
CA ALA B 29 -3.28 7.79 8.59
C ALA B 29 -4.54 8.15 9.42
N TRP B 30 -5.73 7.98 8.84
CA TRP B 30 -6.99 8.26 9.53
C TRP B 30 -7.21 7.20 10.65
N PHE B 31 -6.90 5.94 10.33
CA PHE B 31 -7.04 4.82 11.29
C PHE B 31 -6.14 5.13 12.52
N LYS B 32 -4.92 5.55 12.23
CA LYS B 32 -3.99 5.85 13.35
C LYS B 32 -4.47 6.97 14.22
N ARG B 33 -4.92 8.00 13.53
CA ARG B 33 -5.39 9.17 14.22
C ARG B 33 -6.57 8.90 15.14
N ASN B 34 -7.41 7.96 14.69
CA ASN B 34 -8.59 7.67 15.43
C ASN B 34 -8.44 6.60 16.47
N THR B 35 -7.29 5.91 16.43
CA THR B 35 -7.04 4.83 17.41
C THR B 35 -5.92 5.16 18.41
N LEU B 36 -5.09 6.14 18.04
CA LEU B 36 -3.99 6.47 18.94
C LEU B 36 -4.41 6.75 20.38
N ASP B 37 -3.64 6.22 21.33
CA ASP B 37 -3.93 6.42 22.74
C ASP B 37 -5.20 5.77 23.16
N LYS B 38 -5.61 4.74 22.43
CA LYS B 38 -6.81 4.09 22.86
C LYS B 38 -6.46 2.62 22.81
N PRO B 39 -7.23 1.86 23.55
CA PRO B 39 -7.03 0.46 23.52
C PRO B 39 -7.75 -0.04 22.25
N VAL B 40 -7.15 -1.05 21.58
CA VAL B 40 -7.76 -1.62 20.42
C VAL B 40 -7.93 -3.14 20.63
N ILE B 41 -9.11 -3.64 20.30
CA ILE B 41 -9.43 -5.04 20.41
C ILE B 41 -9.50 -5.67 18.99
N MET B 42 -8.79 -6.76 18.76
CA MET B 42 -8.81 -7.39 17.47
C MET B 42 -8.85 -8.90 17.61
N GLY B 43 -9.14 -9.61 16.53
CA GLY B 43 -9.16 -11.06 16.60
C GLY B 43 -7.76 -11.55 16.23
N ARG B 44 -7.55 -12.85 16.34
CA ARG B 44 -6.24 -13.44 16.06
C ARG B 44 -5.73 -13.34 14.64
N HIS B 45 -6.65 -13.47 13.69
CA HIS B 45 -6.27 -13.40 12.28
C HIS B 45 -5.81 -12.02 11.96
N THR B 46 -6.54 -11.04 12.54
CA THR B 46 -6.16 -9.66 12.31
C THR B 46 -4.78 -9.41 12.93
N TRP B 47 -4.57 -9.96 14.14
CA TRP B 47 -3.27 -9.78 14.81
C TRP B 47 -2.13 -10.32 13.92
N GLU B 48 -2.31 -11.53 13.46
CA GLU B 48 -1.36 -12.23 12.61
C GLU B 48 -1.07 -11.48 11.35
N SER B 49 -2.05 -10.72 10.93
CA SER B 49 -1.88 -9.93 9.74
C SER B 49 -1.09 -8.68 9.97
N ILE B 50 -1.26 -8.10 11.16
CA ILE B 50 -0.57 -6.87 11.43
C ILE B 50 0.90 -7.09 11.60
N GLY B 51 1.23 -8.18 12.27
CA GLY B 51 2.64 -8.42 12.43
C GLY B 51 3.25 -8.04 13.78
N ARG B 52 3.02 -6.83 14.20
CA ARG B 52 3.57 -6.38 15.46
C ARG B 52 2.45 -5.66 16.13
N PRO B 53 2.72 -5.33 17.35
CA PRO B 53 1.77 -4.59 18.13
C PRO B 53 1.71 -3.20 17.51
N LEU B 54 0.52 -2.60 17.59
CA LEU B 54 0.27 -1.26 17.06
C LEU B 54 0.93 -0.24 18.04
N PRO B 55 1.92 0.53 17.62
CA PRO B 55 2.53 1.44 18.56
C PRO B 55 1.62 2.44 19.18
N GLY B 56 1.84 2.65 20.43
CA GLY B 56 1.08 3.64 21.08
C GLY B 56 -0.34 3.37 21.45
N ARG B 57 -0.68 2.09 21.49
CA ARG B 57 -2.01 1.75 21.88
C ARG B 57 -1.94 0.46 22.69
N LYS B 58 -2.96 0.20 23.50
CA LYS B 58 -2.93 -1.08 24.21
C LYS B 58 -3.65 -2.09 23.30
N ASN B 59 -2.94 -3.12 22.98
CA ASN B 59 -3.38 -4.18 22.11
C ASN B 59 -3.95 -5.37 22.80
N ILE B 60 -5.21 -5.60 22.50
CA ILE B 60 -5.89 -6.71 23.13
C ILE B 60 -6.38 -7.73 22.10
N ILE B 61 -5.97 -8.98 22.25
CA ILE B 61 -6.35 -10.03 21.31
C ILE B 61 -7.38 -10.95 21.89
N LEU B 62 -8.49 -11.04 21.18
CA LEU B 62 -9.63 -11.88 21.55
C LEU B 62 -9.52 -13.16 20.78
N SER B 63 -9.37 -14.26 21.54
CA SER B 63 -9.21 -15.54 20.88
C SER B 63 -9.38 -16.67 21.85
N SER B 64 -9.85 -17.79 21.32
CA SER B 64 -10.06 -18.95 22.12
C SER B 64 -8.79 -19.71 22.31
N GLN B 65 -7.79 -19.47 21.47
CA GLN B 65 -6.54 -20.19 21.61
C GLN B 65 -5.49 -19.50 22.48
N PRO B 66 -4.39 -20.18 22.79
CA PRO B 66 -3.41 -19.55 23.63
C PRO B 66 -2.61 -18.44 22.97
N GLY B 67 -2.23 -17.51 23.81
CA GLY B 67 -1.46 -16.40 23.34
C GLY B 67 -0.07 -16.80 22.92
N THR B 68 0.37 -16.23 21.82
CA THR B 68 1.67 -16.45 21.23
C THR B 68 2.63 -15.29 21.44
N ASP B 69 2.21 -14.13 21.91
CA ASP B 69 3.14 -13.03 22.06
C ASP B 69 2.99 -12.29 23.38
N ASP B 70 4.12 -12.11 24.09
CA ASP B 70 4.13 -11.46 25.40
C ASP B 70 3.97 -9.97 25.35
N ARG B 71 3.92 -9.37 24.16
CA ARG B 71 3.78 -7.93 24.12
C ARG B 71 2.35 -7.47 24.06
N VAL B 72 1.39 -8.40 24.12
CA VAL B 72 0.00 -7.98 24.04
C VAL B 72 -0.81 -8.72 25.02
N THR B 73 -2.07 -8.35 25.14
CA THR B 73 -2.94 -9.03 26.08
C THR B 73 -3.87 -9.91 25.36
N TRP B 74 -3.92 -11.12 25.82
CA TRP B 74 -4.79 -12.09 25.23
C TRP B 74 -5.96 -12.27 26.15
N VAL B 75 -7.19 -12.35 25.61
CA VAL B 75 -8.43 -12.53 26.33
C VAL B 75 -9.19 -13.60 25.59
N LYS B 76 -10.13 -14.17 26.32
CA LYS B 76 -10.97 -15.26 25.92
C LYS B 76 -12.42 -14.93 25.72
N SER B 77 -12.91 -13.76 26.13
CA SER B 77 -14.31 -13.44 25.92
C SER B 77 -14.44 -11.96 25.70
N VAL B 78 -15.60 -11.57 25.20
CA VAL B 78 -15.90 -10.18 24.99
C VAL B 78 -15.81 -9.48 26.34
N ASP B 79 -16.43 -10.07 27.36
CA ASP B 79 -16.44 -9.53 28.70
C ASP B 79 -15.05 -9.31 29.18
N GLU B 80 -14.23 -10.32 28.96
CA GLU B 80 -12.84 -10.24 29.37
C GLU B 80 -12.14 -9.10 28.64
N ALA B 81 -12.44 -8.99 27.34
CA ALA B 81 -11.86 -7.96 26.49
C ALA B 81 -12.20 -6.57 27.04
N ILE B 82 -13.48 -6.33 27.31
CA ILE B 82 -13.84 -5.05 27.84
C ILE B 82 -13.18 -4.68 29.16
N ALA B 83 -13.15 -5.66 30.05
CA ALA B 83 -12.58 -5.44 31.37
C ALA B 83 -11.15 -5.07 31.34
N ALA B 84 -10.48 -5.71 30.39
CA ALA B 84 -9.07 -5.44 30.24
C ALA B 84 -8.75 -4.04 29.75
N CYS B 85 -9.78 -3.30 29.29
CA CYS B 85 -9.62 -1.96 28.76
C CYS B 85 -9.54 -0.99 29.89
N GLY B 86 -10.12 -1.44 30.99
CA GLY B 86 -10.07 -0.56 32.13
C GLY B 86 -11.08 0.55 32.05
N ASP B 87 -10.66 1.69 32.59
CA ASP B 87 -11.55 2.81 32.60
C ASP B 87 -11.26 3.88 31.57
N VAL B 88 -11.46 3.59 30.31
CA VAL B 88 -11.19 4.60 29.34
C VAL B 88 -12.52 4.98 28.75
N PRO B 89 -12.49 6.15 28.16
CA PRO B 89 -13.69 6.69 27.55
C PRO B 89 -14.12 6.01 26.24
N GLU B 90 -13.17 5.46 25.47
CA GLU B 90 -13.69 4.87 24.25
C GLU B 90 -12.84 3.69 23.86
N ILE B 91 -13.51 2.57 23.54
CA ILE B 91 -12.78 1.36 23.15
C ILE B 91 -12.92 1.18 21.65
N MET B 92 -11.83 0.87 20.97
CA MET B 92 -11.91 0.71 19.53
C MET B 92 -11.80 -0.76 19.14
N VAL B 93 -12.74 -1.23 18.36
CA VAL B 93 -12.65 -2.63 17.95
C VAL B 93 -12.24 -2.60 16.47
N ILE B 94 -11.11 -3.27 16.11
CA ILE B 94 -10.58 -3.24 14.77
C ILE B 94 -10.71 -4.43 13.86
N GLY B 95 -11.63 -5.33 14.18
CA GLY B 95 -11.89 -6.49 13.33
C GLY B 95 -11.17 -7.75 13.79
N GLY B 96 -11.32 -8.83 13.02
CA GLY B 96 -12.10 -8.86 11.81
C GLY B 96 -13.62 -9.06 11.96
N GLY B 97 -14.22 -9.62 10.89
CA GLY B 97 -15.66 -9.84 10.78
C GLY B 97 -16.40 -10.32 12.00
N ARG B 98 -15.86 -11.41 12.55
CA ARG B 98 -16.45 -12.02 13.71
C ARG B 98 -16.47 -11.11 14.93
N VAL B 99 -15.32 -10.48 15.11
CA VAL B 99 -15.18 -9.61 16.21
C VAL B 99 -16.11 -8.48 15.93
N TYR B 100 -16.17 -7.99 14.70
CA TYR B 100 -17.08 -6.86 14.44
C TYR B 100 -18.50 -7.29 14.77
N GLU B 101 -18.91 -8.51 14.34
CA GLU B 101 -20.27 -8.91 14.65
C GLU B 101 -20.51 -9.07 16.11
N GLN B 102 -19.58 -9.58 16.85
CA GLN B 102 -19.90 -9.69 18.28
C GLN B 102 -19.98 -8.38 19.00
N PHE B 103 -19.20 -7.38 18.56
CA PHE B 103 -19.24 -6.07 19.23
C PHE B 103 -20.27 -5.04 18.74
N LEU B 104 -20.80 -5.17 17.54
CA LEU B 104 -21.79 -4.21 17.02
C LEU B 104 -22.92 -3.83 17.97
N PRO B 105 -23.53 -4.85 18.59
CA PRO B 105 -24.63 -4.58 19.50
C PRO B 105 -24.33 -3.65 20.64
N LYS B 106 -23.08 -3.58 21.08
CA LYS B 106 -22.71 -2.69 22.17
C LYS B 106 -22.10 -1.37 21.70
N ALA B 107 -22.00 -1.28 20.38
CA ALA B 107 -21.38 -0.10 19.80
C ALA B 107 -22.27 1.12 19.63
N GLN B 108 -21.69 2.27 19.95
CA GLN B 108 -22.40 3.53 19.81
C GLN B 108 -21.87 4.36 18.62
N LYS B 109 -20.69 4.05 18.09
CA LYS B 109 -20.12 4.80 17.00
C LYS B 109 -19.35 3.90 16.03
N LEU B 110 -19.39 4.32 14.76
CA LEU B 110 -18.73 3.68 13.63
C LEU B 110 -17.86 4.70 12.91
N TYR B 111 -16.65 4.30 12.65
CA TYR B 111 -15.73 5.12 11.89
C TYR B 111 -15.49 4.21 10.67
N LEU B 112 -16.07 4.63 9.57
CA LEU B 112 -15.93 3.84 8.37
C LEU B 112 -15.30 4.60 7.22
N THR B 113 -14.55 3.86 6.42
CA THR B 113 -13.89 4.33 5.22
C THR B 113 -14.51 3.49 4.07
N HIS B 114 -15.27 4.16 3.18
CA HIS B 114 -15.89 3.45 2.06
C HIS B 114 -14.94 3.53 0.89
N ILE B 115 -14.50 2.41 0.37
CA ILE B 115 -13.56 2.55 -0.71
C ILE B 115 -14.19 2.18 -2.01
N ASP B 116 -13.92 2.89 -3.10
CA ASP B 116 -14.58 2.47 -4.33
C ASP B 116 -13.82 1.37 -5.02
N ALA B 117 -13.96 0.17 -4.52
CA ALA B 117 -13.27 -0.96 -5.10
C ALA B 117 -14.27 -2.09 -5.16
N GLU B 118 -14.30 -2.72 -6.31
CA GLU B 118 -15.21 -3.82 -6.47
C GLU B 118 -14.36 -5.09 -6.33
N VAL B 119 -14.56 -5.90 -5.31
CA VAL B 119 -13.75 -7.12 -5.14
C VAL B 119 -14.60 -8.27 -4.61
N GLU B 120 -14.10 -9.50 -4.72
CA GLU B 120 -14.79 -10.68 -4.23
C GLU B 120 -14.31 -10.88 -2.79
N GLY B 121 -15.18 -10.86 -1.81
CA GLY B 121 -14.53 -11.02 -0.54
C GLY B 121 -14.78 -12.28 0.20
N ASP B 122 -13.99 -12.39 1.20
CA ASP B 122 -14.10 -13.56 2.02
C ASP B 122 -14.97 -13.20 3.23
N THR B 123 -14.69 -12.04 3.84
CA THR B 123 -15.50 -11.64 4.99
C THR B 123 -16.03 -10.25 4.68
N HIS B 124 -17.13 -9.91 5.34
CA HIS B 124 -17.82 -8.65 5.20
C HIS B 124 -18.14 -8.05 6.53
N PHE B 125 -18.40 -6.73 6.56
CA PHE B 125 -18.74 -5.97 7.76
C PHE B 125 -20.19 -6.37 8.03
N PRO B 126 -20.59 -6.53 9.28
CA PRO B 126 -21.96 -6.93 9.54
C PRO B 126 -22.91 -5.91 8.96
N ASP B 127 -24.11 -6.38 8.62
CA ASP B 127 -25.13 -5.51 8.04
C ASP B 127 -25.69 -4.56 9.08
N TYR B 128 -25.63 -3.26 8.86
CA TYR B 128 -26.14 -2.30 9.80
C TYR B 128 -27.26 -1.58 9.14
N GLU B 129 -28.22 -1.12 9.93
CA GLU B 129 -29.37 -0.41 9.42
C GLU B 129 -29.18 1.08 9.59
N PRO B 130 -29.14 1.71 8.45
CA PRO B 130 -28.96 3.13 8.28
C PRO B 130 -30.03 3.95 8.94
N ASP B 131 -31.16 3.36 9.27
CA ASP B 131 -32.19 4.13 9.93
C ASP B 131 -31.81 4.20 11.40
N ASP B 132 -30.92 3.31 11.84
CA ASP B 132 -30.47 3.28 13.22
C ASP B 132 -29.23 4.15 13.49
N TRP B 133 -28.53 4.64 12.43
CA TRP B 133 -27.29 5.41 12.60
C TRP B 133 -27.33 6.81 11.99
N GLU B 134 -26.69 7.75 12.67
CA GLU B 134 -26.68 9.10 12.20
C GLU B 134 -25.29 9.47 11.73
N SER B 135 -25.22 9.90 10.46
CA SER B 135 -23.98 10.32 9.85
C SER B 135 -23.62 11.68 10.39
N VAL B 136 -22.50 11.83 11.12
CA VAL B 136 -22.18 13.13 11.68
C VAL B 136 -20.95 13.71 11.03
N PHE B 137 -20.37 13.03 10.06
CA PHE B 137 -19.19 13.58 9.42
C PHE B 137 -18.91 12.71 8.19
N SER B 138 -18.61 13.35 7.10
CA SER B 138 -18.29 12.65 5.86
C SER B 138 -17.30 13.45 5.04
N GLU B 139 -16.40 12.78 4.36
CA GLU B 139 -15.42 13.50 3.59
C GLU B 139 -14.89 12.61 2.45
N PHE B 140 -15.19 13.00 1.21
CA PHE B 140 -14.83 12.33 -0.01
C PHE B 140 -13.50 12.73 -0.60
N HIS B 141 -12.71 11.73 -1.08
CA HIS B 141 -11.46 12.00 -1.70
C HIS B 141 -11.24 11.12 -2.95
N ASP B 142 -10.65 11.65 -4.00
CA ASP B 142 -10.37 10.89 -5.21
C ASP B 142 -9.02 10.24 -5.03
N ALA B 143 -8.71 9.23 -5.86
CA ALA B 143 -7.42 8.57 -5.84
C ALA B 143 -6.42 9.68 -6.22
N ASP B 144 -5.15 9.55 -5.84
CA ASP B 144 -4.19 10.58 -6.17
C ASP B 144 -2.84 9.89 -6.31
N ALA B 145 -1.78 10.66 -6.33
CA ALA B 145 -0.44 10.11 -6.51
C ALA B 145 -0.07 9.10 -5.49
N GLN B 146 -0.65 9.21 -4.31
CA GLN B 146 -0.31 8.22 -3.32
C GLN B 146 -1.38 7.22 -2.94
N ASN B 147 -2.67 7.44 -3.28
CA ASN B 147 -3.83 6.59 -2.95
C ASN B 147 -4.41 5.97 -4.19
N SER B 148 -4.47 4.65 -4.25
CA SER B 148 -4.98 3.97 -5.44
C SER B 148 -6.44 4.04 -5.78
N HIS B 149 -7.33 4.35 -4.83
CA HIS B 149 -8.71 4.39 -5.13
C HIS B 149 -9.35 5.60 -4.49
N SER B 150 -10.60 5.90 -4.84
CA SER B 150 -11.18 7.03 -4.16
C SER B 150 -11.80 6.43 -2.89
N TYR B 151 -12.00 7.27 -1.86
CA TYR B 151 -12.54 6.79 -0.59
C TYR B 151 -13.24 7.91 0.15
N CYS B 152 -14.11 7.48 1.02
CA CYS B 152 -14.83 8.46 1.79
C CYS B 152 -14.84 8.11 3.29
N PHE B 153 -14.46 9.08 4.12
CA PHE B 153 -14.45 8.87 5.55
C PHE B 153 -15.81 9.23 6.07
N GLU B 154 -16.30 8.41 7.00
CA GLU B 154 -17.61 8.67 7.57
C GLU B 154 -17.64 8.27 9.04
N ILE B 155 -18.27 9.09 9.85
CA ILE B 155 -18.42 8.76 11.29
C ILE B 155 -19.93 8.75 11.54
N LEU B 156 -20.40 7.67 12.17
CA LEU B 156 -21.80 7.46 12.48
C LEU B 156 -21.99 7.22 13.95
N GLU B 157 -23.09 7.79 14.42
CA GLU B 157 -23.40 7.64 15.83
C GLU B 157 -24.75 6.97 15.93
N ARG B 158 -24.90 6.08 16.92
CA ARG B 158 -26.14 5.38 17.09
C ARG B 158 -27.33 6.28 17.49
N ARG B 159 -28.44 6.21 16.76
CA ARG B 159 -29.57 7.04 17.13
C ARG B 159 -30.12 6.48 18.47
CL CL C . 7.28 10.32 -14.33
N1 DZF D . 9.67 -0.95 -9.60
C2 DZF D . 9.29 -1.96 -8.87
NA2 DZF D . 9.65 -3.13 -8.89
N3 DZF D . 8.35 -1.68 -7.92
C4 DZF D . 7.79 -0.46 -7.68
O4 DZF D . 6.89 -0.36 -6.70
C4A DZF D . 8.27 0.63 -8.53
C5 DZF D . 7.89 2.02 -8.19
C6 DZF D . 8.59 3.00 -8.87
C7 DZF D . 9.60 2.51 -9.84
N8 DZF D . 9.95 1.27 -10.13
C8A DZF D . 9.21 0.30 -9.43
C9 DZF D . 8.29 4.36 -8.61
N10 DZF D . 7.37 4.48 -7.48
C11 DZF D . 8.83 3.98 -3.38
C12 DZF D . 7.49 4.45 -3.73
C13 DZF D . 7.04 4.61 -5.14
C14 DZF D . 7.86 4.31 -6.27
C15 DZF D . 9.09 3.91 -6.02
C16 DZF D . 9.68 3.68 -4.46
C DZF D . 9.28 3.81 -1.93
O DZF D . 8.62 4.33 -0.97
N DZF D . 10.42 3.05 -1.71
CA DZF D . 11.14 2.84 -0.52
CB DZF D . 10.76 1.49 0.22
CG DZF D . 9.84 1.71 1.47
CD DZF D . 9.45 0.34 1.77
OE1 DZF D . 8.40 0.39 2.62
OE2 DZF D . 10.08 -0.80 1.15
CT DZF D . 12.45 2.69 -0.81
O1 DZF D . 12.84 2.30 -1.94
O2 DZF D . 13.24 2.96 0.13
CL CL E . -9.61 -11.46 13.17
CA CA F . -25.57 14.47 9.40
N1 DZF G . -9.95 0.68 9.38
C2 DZF G . -9.62 1.59 8.44
NA2 DZF G . -10.14 2.82 8.23
N3 DZF G . -8.64 1.22 7.62
C4 DZF G . -7.88 -0.09 7.64
O4 DZF G . -6.88 -0.41 6.77
C4A DZF G . -8.25 -0.98 8.68
C5 DZF G . -7.35 -2.12 8.92
C6 DZF G . -7.82 -2.79 10.01
C7 DZF G . -9.00 -2.33 10.76
N8 DZF G . -9.71 -1.38 10.57
C8A DZF G . -9.29 -0.62 9.47
C9 DZF G . -7.01 -4.12 10.51
N10 DZF G . -5.53 -4.19 9.85
C11 DZF G . -2.47 -1.44 10.30
C12 DZF G . -2.28 -2.49 9.46
C13 DZF G . -3.26 -3.47 9.22
C14 DZF G . -4.52 -3.21 10.04
C15 DZF G . -4.61 -2.10 10.89
C16 DZF G . -3.50 -1.29 10.92
C DZF G . -1.38 -0.46 10.48
O DZF G . -0.24 -0.81 10.15
N DZF G . -1.55 0.65 11.11
CA DZF G . -0.49 1.53 11.38
CB DZF G . -0.61 2.41 10.21
CG DZF G . 0.70 3.20 9.77
CD DZF G . 0.27 4.71 10.30
OE1 DZF G . 1.27 5.77 10.03
OE2 DZF G . -0.95 4.91 10.95
CT DZF G . -0.87 2.24 12.67
O1 DZF G . -2.04 2.35 12.98
O2 DZF G . 0.06 2.73 13.41
#